data_4V0V
#
_entry.id   4V0V
#
_cell.length_a   66.800
_cell.length_b   67.890
_cell.length_c   156.380
_cell.angle_alpha   90.00
_cell.angle_beta   90.00
_cell.angle_gamma   90.00
#
_symmetry.space_group_name_H-M   'P 21 21 21'
#
loop_
_entity.id
_entity.type
_entity.pdbx_description
1 polymer 'SERINE/THREONINE-PROTEIN PHOSPHATASE PP1-GAMMA CATALYTIC SUBUNIT'
2 polymer 'PROTEIN PHOSPHATASE 1 REGULATORY SUBUNIT 15B'
3 non-polymer 'MANGANESE (II) ION'
4 non-polymer 'SODIUM ION'
5 water water
#
loop_
_entity_poly.entity_id
_entity_poly.type
_entity_poly.pdbx_seq_one_letter_code
_entity_poly.pdbx_strand_id
1 'polypeptide(L)'
;MLNIDSIIQRLLEVRGSKPGKNVQLQENEIRGLCLKSREIFLSQPILLELEAPLKICGDIHGQYYDLLRLFEYGGFPPES
NYLFLGDYVDRGKQSLETICLLLAYKIKYPENFFLLRGNHECASINRIYGFYDECKRRYNIKLWKTFTDCFNCLPIAAIV
DEKIFCCHGGLSPDLQSMEQIRRIMRPTDVPDQGLLCDLLWSDPDKDVLGWGENDRGVSFTFGAEVVAKFLHKHDLDLIC
RAHQVVEDGYEFFAKRQLVTLFSAPNYCGEFDNAGAMMSVDETLMCSFQILKPAE
;
A,C
2 'polypeptide(L)' GAMDPGRHTHVKRKKVTFLEEVTEYYISGDEDRKG B,D
#
loop_
_chem_comp.id
_chem_comp.type
_chem_comp.name
_chem_comp.formula
MN non-polymer 'MANGANESE (II) ION' 'Mn 2'
NA non-polymer 'SODIUM ION' 'Na 1'
#
# COMPACT_ATOMS: atom_id res chain seq x y z
N MET A 1 15.86 8.73 28.14
CA MET A 1 17.31 8.52 28.13
C MET A 1 17.63 7.06 27.84
N LEU A 2 18.46 6.83 26.83
CA LEU A 2 18.80 5.47 26.43
C LEU A 2 20.05 4.93 27.11
N ASN A 3 20.00 3.67 27.50
CA ASN A 3 21.20 2.91 27.79
C ASN A 3 21.52 2.09 26.55
N ILE A 4 22.18 2.71 25.59
CA ILE A 4 22.38 2.07 24.30
C ILE A 4 23.27 0.82 24.43
N ASP A 5 24.22 0.82 25.35
CA ASP A 5 25.08 -0.33 25.53
C ASP A 5 24.30 -1.57 25.99
N SER A 6 23.38 -1.38 26.92
CA SER A 6 22.55 -2.49 27.41
C SER A 6 21.70 -3.08 26.29
N ILE A 7 21.14 -2.19 25.49
CA ILE A 7 20.30 -2.60 24.38
C ILE A 7 21.08 -3.42 23.35
N ILE A 8 22.26 -2.94 22.97
CA ILE A 8 23.04 -3.64 21.96
C ILE A 8 23.52 -4.99 22.49
N GLN A 9 23.92 -5.03 23.75
CA GLN A 9 24.36 -6.27 24.38
C GLN A 9 23.25 -7.33 24.31
N ARG A 10 22.02 -6.94 24.62
CA ARG A 10 20.90 -7.87 24.57
C ARG A 10 20.58 -8.32 23.14
N LEU A 11 20.71 -7.43 22.17
CA LEU A 11 20.47 -7.78 20.77
C LEU A 11 21.52 -8.75 20.23
N LEU A 12 22.77 -8.59 20.65
CA LEU A 12 23.86 -9.42 20.16
C LEU A 12 23.99 -10.75 20.89
N GLU A 13 23.39 -10.87 22.07
CA GLU A 13 23.65 -12.06 22.86
C GLU A 13 22.93 -13.29 22.32
N VAL A 14 22.03 -13.12 21.37
CA VAL A 14 21.39 -14.27 20.74
C VAL A 14 22.22 -14.87 19.60
N ARG A 15 23.40 -14.30 19.32
CA ARG A 15 24.30 -14.90 18.33
C ARG A 15 24.63 -16.34 18.69
N GLY A 16 24.46 -17.24 17.73
CA GLY A 16 24.79 -18.65 17.95
C GLY A 16 23.62 -19.46 18.49
N SER A 17 22.53 -18.79 18.83
CA SER A 17 21.35 -19.48 19.33
C SER A 17 20.62 -20.12 18.16
N LYS A 18 19.79 -21.13 18.44
CA LYS A 18 18.96 -21.73 17.41
C LYS A 18 18.14 -20.65 16.71
N PRO A 19 18.46 -20.38 15.43
CA PRO A 19 17.92 -19.26 14.64
C PRO A 19 16.42 -19.11 14.75
N GLY A 20 15.97 -17.89 15.03
CA GLY A 20 14.56 -17.62 15.23
C GLY A 20 14.30 -17.12 16.65
N LYS A 21 15.30 -17.25 17.51
CA LYS A 21 15.18 -16.77 18.89
C LYS A 21 15.04 -15.26 18.93
N ASN A 22 14.03 -14.79 19.65
CA ASN A 22 13.72 -13.36 19.75
C ASN A 22 14.49 -12.62 20.85
N VAL A 23 14.62 -11.32 20.66
CA VAL A 23 15.10 -10.45 21.72
C VAL A 23 13.90 -9.66 22.21
N GLN A 24 13.65 -9.71 23.51
CA GLN A 24 12.49 -9.04 24.09
C GLN A 24 12.86 -7.72 24.75
N LEU A 25 13.14 -6.70 23.95
CA LEU A 25 13.37 -5.38 24.51
C LEU A 25 12.09 -4.86 25.13
N GLN A 26 12.21 -3.95 26.08
CA GLN A 26 11.04 -3.29 26.64
C GLN A 26 10.47 -2.34 25.61
N GLU A 27 9.15 -2.18 25.60
CA GLU A 27 8.49 -1.27 24.68
C GLU A 27 9.11 0.13 24.73
N ASN A 28 9.38 0.62 25.94
CA ASN A 28 9.93 1.97 26.10
C ASN A 28 11.36 2.09 25.55
N GLU A 29 12.12 1.00 25.57
CA GLU A 29 13.45 1.01 24.97
C GLU A 29 13.35 1.14 23.46
N ILE A 30 12.43 0.40 22.87
CA ILE A 30 12.24 0.48 21.42
C ILE A 30 11.71 1.85 21.02
N ARG A 31 10.76 2.37 21.77
CA ARG A 31 10.29 3.74 21.53
C ARG A 31 11.45 4.72 21.61
N GLY A 32 12.31 4.50 22.60
CA GLY A 32 13.49 5.32 22.79
C GLY A 32 14.44 5.33 21.60
N LEU A 33 14.66 4.14 21.04
CA LEU A 33 15.48 4.04 19.84
C LEU A 33 14.87 4.86 18.71
N CYS A 34 13.55 4.78 18.56
CA CYS A 34 12.91 5.51 17.46
C CYS A 34 13.04 7.02 17.64
N LEU A 35 12.80 7.51 18.86
CA LEU A 35 12.84 8.95 19.16
C LEU A 35 14.24 9.52 19.01
N LYS A 36 15.23 8.82 19.55
CA LYS A 36 16.62 9.29 19.47
C LYS A 36 17.17 9.21 18.05
N SER A 37 16.89 8.11 17.34
CA SER A 37 17.41 8.02 15.98
C SER A 37 16.77 9.10 15.09
N ARG A 38 15.48 9.37 15.30
N ARG A 38 15.48 9.37 15.30
CA ARG A 38 14.81 10.43 14.56
CA ARG A 38 14.80 10.44 14.54
C ARG A 38 15.54 11.76 14.71
C ARG A 38 15.53 11.77 14.71
N GLU A 39 15.95 12.08 15.94
CA GLU A 39 16.70 13.30 16.21
C GLU A 39 17.99 13.33 15.40
N ILE A 40 18.71 12.22 15.41
CA ILE A 40 19.97 12.11 14.67
C ILE A 40 19.72 12.23 13.15
N PHE A 41 18.73 11.50 12.64
CA PHE A 41 18.43 11.57 11.21
C PHE A 41 18.15 13.01 10.79
N LEU A 42 17.32 13.72 11.56
CA LEU A 42 16.94 15.08 11.19
C LEU A 42 18.11 16.06 11.30
N SER A 43 19.07 15.75 12.15
CA SER A 43 20.20 16.66 12.35
C SER A 43 21.28 16.45 11.29
N GLN A 44 21.25 15.31 10.61
CA GLN A 44 22.18 15.01 9.53
C GLN A 44 21.52 15.30 8.18
N PRO A 45 22.33 15.46 7.11
CA PRO A 45 21.73 15.82 5.82
C PRO A 45 20.81 14.75 5.28
N ILE A 46 19.85 15.14 4.45
CA ILE A 46 19.00 14.17 3.78
C ILE A 46 19.75 13.49 2.62
N LEU A 47 20.77 14.18 2.11
CA LEU A 47 21.70 13.64 1.12
C LEU A 47 23.06 13.53 1.79
N LEU A 48 23.42 12.33 2.24
CA LEU A 48 24.67 12.15 3.00
C LEU A 48 25.91 12.31 2.15
N GLU A 49 26.95 12.89 2.75
CA GLU A 49 28.25 12.99 2.11
C GLU A 49 29.24 12.16 2.91
N LEU A 50 29.62 11.01 2.37
CA LEU A 50 30.39 10.02 3.11
C LEU A 50 31.77 9.83 2.51
N GLU A 51 32.72 9.39 3.33
CA GLU A 51 34.06 9.11 2.84
C GLU A 51 34.36 7.62 2.99
N ALA A 52 35.05 7.05 2.01
CA ALA A 52 35.55 5.69 2.11
C ALA A 52 36.74 5.68 3.07
N PRO A 53 37.06 4.53 3.69
CA PRO A 53 36.47 3.20 3.47
C PRO A 53 35.13 2.99 4.17
N LEU A 54 34.27 2.19 3.53
CA LEU A 54 33.05 1.75 4.17
C LEU A 54 32.52 0.51 3.47
N LYS A 55 31.56 -0.11 4.11
CA LYS A 55 30.92 -1.30 3.57
C LYS A 55 29.49 -0.96 3.25
N ILE A 56 29.01 -1.43 2.11
CA ILE A 56 27.65 -1.08 1.68
C ILE A 56 26.83 -2.35 1.53
N CYS A 57 25.65 -2.35 2.14
CA CYS A 57 24.71 -3.47 2.05
C CYS A 57 23.37 -3.05 1.49
N GLY A 58 22.74 -3.95 0.73
CA GLY A 58 21.38 -3.77 0.24
C GLY A 58 20.34 -4.34 1.20
N ASP A 59 19.19 -4.74 0.66
CA ASP A 59 18.03 -5.21 1.43
C ASP A 59 18.37 -6.23 2.51
N ILE A 60 17.81 -6.06 3.71
CA ILE A 60 17.94 -7.06 4.78
C ILE A 60 16.61 -7.78 5.04
N HIS A 61 15.50 -7.03 4.96
CA HIS A 61 14.15 -7.58 5.06
C HIS A 61 13.97 -8.52 6.25
N GLY A 62 14.33 -8.03 7.43
CA GLY A 62 14.05 -8.74 8.67
C GLY A 62 14.82 -10.03 8.89
N GLN A 63 15.81 -10.30 8.04
CA GLN A 63 16.59 -11.53 8.19
C GLN A 63 17.71 -11.28 9.20
N TYR A 64 17.34 -11.30 10.48
CA TYR A 64 18.22 -10.82 11.53
C TYR A 64 19.49 -11.63 11.65
N TYR A 65 19.40 -12.95 11.52
CA TYR A 65 20.57 -13.77 11.75
C TYR A 65 21.54 -13.68 10.57
N ASP A 66 21.01 -13.34 9.40
CA ASP A 66 21.87 -13.04 8.24
C ASP A 66 22.57 -11.67 8.42
N LEU A 67 21.86 -10.71 8.98
CA LEU A 67 22.48 -9.42 9.34
C LEU A 67 23.65 -9.64 10.30
N LEU A 68 23.46 -10.50 11.30
CA LEU A 68 24.52 -10.78 12.25
C LEU A 68 25.74 -11.39 11.53
N ARG A 69 25.48 -12.24 10.53
CA ARG A 69 26.57 -12.83 9.78
C ARG A 69 27.30 -11.79 8.91
N LEU A 70 26.54 -10.87 8.31
CA LEU A 70 27.15 -9.75 7.61
C LEU A 70 28.14 -9.00 8.52
N PHE A 71 27.73 -8.70 9.75
CA PHE A 71 28.64 -8.02 10.67
C PHE A 71 29.83 -8.90 11.06
N GLU A 72 29.61 -10.20 11.24
CA GLU A 72 30.72 -11.11 11.52
C GLU A 72 31.79 -11.10 10.41
N TYR A 73 31.36 -11.04 9.15
CA TYR A 73 32.30 -11.02 8.04
C TYR A 73 32.88 -9.64 7.77
N GLY A 74 32.06 -8.61 7.94
CA GLY A 74 32.49 -7.24 7.65
C GLY A 74 33.19 -6.58 8.82
N GLY A 75 32.92 -7.07 10.03
CA GLY A 75 33.40 -6.42 11.25
C GLY A 75 32.27 -5.67 11.93
N PHE A 76 32.13 -5.87 13.23
CA PHE A 76 31.10 -5.17 14.00
C PHE A 76 31.46 -3.69 14.17
N PRO A 77 30.47 -2.79 14.03
CA PRO A 77 30.70 -1.36 14.29
C PRO A 77 31.42 -1.19 15.63
N PRO A 78 32.37 -0.26 15.74
CA PRO A 78 32.78 0.68 14.69
C PRO A 78 34.06 0.21 13.99
N GLU A 79 34.36 -1.08 14.05
CA GLU A 79 35.54 -1.64 13.38
C GLU A 79 35.51 -1.32 11.88
N SER A 80 34.31 -1.30 11.34
CA SER A 80 34.06 -0.92 9.94
C SER A 80 32.93 0.10 9.88
N ASN A 81 32.98 0.99 8.90
CA ASN A 81 31.89 1.91 8.66
C ASN A 81 30.87 1.21 7.77
N TYR A 82 29.59 1.50 7.96
CA TYR A 82 28.53 0.88 7.18
C TYR A 82 27.56 1.90 6.60
N LEU A 83 27.14 1.61 5.36
CA LEU A 83 25.99 2.25 4.75
C LEU A 83 25.00 1.19 4.29
N PHE A 84 23.80 1.25 4.83
CA PHE A 84 22.72 0.37 4.39
C PHE A 84 21.78 1.10 3.43
N LEU A 85 21.31 0.40 2.40
CA LEU A 85 20.53 1.05 1.35
C LEU A 85 19.00 0.88 1.49
N GLY A 86 18.51 0.51 2.67
CA GLY A 86 17.07 0.48 2.88
C GLY A 86 16.47 -0.92 2.92
N ASP A 87 15.16 -0.98 3.13
CA ASP A 87 14.37 -2.22 3.25
C ASP A 87 14.88 -3.11 4.39
N TYR A 88 14.68 -2.62 5.60
CA TYR A 88 15.14 -3.30 6.81
C TYR A 88 14.10 -4.26 7.32
N VAL A 89 12.84 -3.97 7.01
CA VAL A 89 11.71 -4.72 7.54
C VAL A 89 10.86 -5.29 6.43
N ASP A 90 9.87 -6.10 6.83
CA ASP A 90 8.93 -6.83 5.96
C ASP A 90 9.51 -8.11 5.40
N ARG A 91 8.61 -9.07 5.19
CA ARG A 91 8.88 -10.37 4.58
C ARG A 91 9.58 -11.35 5.52
N GLY A 92 10.68 -10.92 6.13
CA GLY A 92 11.45 -11.80 6.98
C GLY A 92 10.83 -12.05 8.34
N LYS A 93 11.49 -12.86 9.16
CA LYS A 93 10.89 -13.35 10.40
C LYS A 93 11.21 -12.49 11.62
N GLN A 94 12.23 -11.63 11.51
CA GLN A 94 12.67 -10.85 12.67
C GLN A 94 12.99 -9.41 12.34
N SER A 95 12.00 -8.74 11.75
CA SER A 95 12.14 -7.32 11.44
C SER A 95 12.39 -6.45 12.67
N LEU A 96 11.74 -6.76 13.79
CA LEU A 96 11.91 -5.93 14.98
C LEU A 96 13.35 -5.93 15.47
N GLU A 97 13.94 -7.11 15.60
CA GLU A 97 15.34 -7.20 16.03
C GLU A 97 16.25 -6.51 15.02
N THR A 98 15.94 -6.69 13.74
CA THR A 98 16.77 -6.11 12.69
C THR A 98 16.80 -4.59 12.80
N ILE A 99 15.64 -3.94 12.82
CA ILE A 99 15.60 -2.49 12.83
C ILE A 99 16.09 -1.98 14.18
N CYS A 100 15.85 -2.71 15.27
CA CYS A 100 16.36 -2.24 16.56
C CYS A 100 17.87 -2.23 16.61
N LEU A 101 18.53 -3.25 16.07
CA LEU A 101 19.99 -3.26 16.08
C LEU A 101 20.55 -2.14 15.19
N LEU A 102 19.94 -1.96 14.02
CA LEU A 102 20.38 -0.89 13.13
C LEU A 102 20.20 0.51 13.73
N LEU A 103 19.06 0.77 14.37
CA LEU A 103 18.86 2.06 15.01
C LEU A 103 19.83 2.24 16.18
N ALA A 104 20.08 1.17 16.92
CA ALA A 104 20.98 1.24 18.07
C ALA A 104 22.40 1.62 17.62
N TYR A 105 22.85 1.03 16.52
CA TYR A 105 24.18 1.33 15.99
C TYR A 105 24.23 2.75 15.43
N LYS A 106 23.14 3.20 14.82
CA LYS A 106 23.08 4.59 14.35
C LYS A 106 23.24 5.56 15.53
N ILE A 107 22.61 5.24 16.66
CA ILE A 107 22.67 6.11 17.84
C ILE A 107 24.04 6.07 18.51
N LYS A 108 24.63 4.89 18.58
CA LYS A 108 25.93 4.75 19.24
C LYS A 108 27.08 5.33 18.42
N TYR A 109 27.03 5.13 17.11
CA TYR A 109 28.12 5.54 16.22
C TYR A 109 27.60 6.37 15.05
N PRO A 110 27.03 7.55 15.35
CA PRO A 110 26.26 8.30 14.34
C PRO A 110 27.08 8.78 13.15
N GLU A 111 28.40 8.87 13.27
CA GLU A 111 29.23 9.27 12.13
C GLU A 111 30.02 8.10 11.55
N ASN A 112 29.74 6.88 12.01
CA ASN A 112 30.38 5.68 11.44
C ASN A 112 29.38 4.71 10.83
N PHE A 113 28.11 5.03 10.97
CA PHE A 113 27.06 4.08 10.65
C PHE A 113 25.89 4.85 10.02
N PHE A 114 25.45 4.41 8.84
CA PHE A 114 24.46 5.16 8.09
C PHE A 114 23.37 4.29 7.49
N LEU A 115 22.14 4.79 7.54
CA LEU A 115 20.96 4.09 7.04
C LEU A 115 20.20 4.96 6.05
N LEU A 116 19.92 4.43 4.85
CA LEU A 116 19.02 5.11 3.93
C LEU A 116 17.63 4.51 4.00
N ARG A 117 16.68 5.25 3.44
CA ARG A 117 15.29 4.82 3.38
C ARG A 117 15.06 3.89 2.21
N GLY A 118 14.35 2.78 2.45
CA GLY A 118 13.88 1.95 1.34
C GLY A 118 12.39 2.09 1.17
N ASN A 119 11.83 1.50 0.11
CA ASN A 119 10.39 1.63 -0.13
C ASN A 119 9.57 0.90 0.93
N HIS A 120 10.18 -0.03 1.67
CA HIS A 120 9.45 -0.69 2.75
C HIS A 120 9.46 0.10 4.04
N GLU A 121 10.27 1.16 4.10
CA GLU A 121 10.24 2.03 5.27
C GLU A 121 9.15 3.07 5.07
N CYS A 122 7.94 2.55 4.90
CA CYS A 122 6.78 3.30 4.48
C CYS A 122 5.57 2.61 5.07
N ALA A 123 4.77 3.34 5.84
CA ALA A 123 3.61 2.76 6.52
C ALA A 123 2.65 2.02 5.59
N SER A 124 2.40 2.56 4.40
CA SER A 124 1.41 1.93 3.53
C SER A 124 1.92 0.58 3.01
N ILE A 125 3.23 0.43 2.92
CA ILE A 125 3.82 -0.82 2.45
C ILE A 125 4.02 -1.80 3.60
N ASN A 126 4.64 -1.35 4.70
CA ASN A 126 4.96 -2.33 5.75
C ASN A 126 3.76 -2.63 6.64
N ARG A 127 2.62 -1.96 6.42
CA ARG A 127 1.38 -2.38 7.07
C ARG A 127 0.95 -3.72 6.51
N ILE A 128 1.18 -3.90 5.22
CA ILE A 128 0.76 -5.08 4.49
C ILE A 128 1.74 -6.26 4.51
N TYR A 129 3.03 -5.99 4.37
CA TYR A 129 4.01 -7.03 4.09
C TYR A 129 4.74 -7.57 5.32
N GLY A 130 4.20 -7.32 6.49
CA GLY A 130 4.65 -8.04 7.66
C GLY A 130 5.00 -7.27 8.91
N PHE A 131 5.53 -6.07 8.76
CA PHE A 131 6.03 -5.34 9.93
C PHE A 131 4.93 -4.97 10.91
N TYR A 132 3.80 -4.49 10.38
CA TYR A 132 2.67 -4.13 11.25
C TYR A 132 2.20 -5.36 12.05
N ASP A 133 2.13 -6.50 11.38
CA ASP A 133 1.67 -7.73 12.05
C ASP A 133 2.63 -8.14 13.15
N GLU A 134 3.93 -7.95 12.90
CA GLU A 134 4.95 -8.33 13.88
C GLU A 134 4.86 -7.43 15.11
N CYS A 135 4.70 -6.14 14.86
CA CYS A 135 4.55 -5.14 15.92
C CYS A 135 3.33 -5.42 16.78
N LYS A 136 2.21 -5.69 16.10
CA LYS A 136 0.95 -5.96 16.77
C LYS A 136 1.02 -7.21 17.65
N ARG A 137 1.63 -8.25 17.12
CA ARG A 137 1.79 -9.51 17.82
C ARG A 137 2.66 -9.36 19.07
N ARG A 138 3.79 -8.68 18.92
CA ARG A 138 4.78 -8.66 20.00
C ARG A 138 4.67 -7.48 20.94
N TYR A 139 4.12 -6.37 20.43
CA TYR A 139 3.98 -5.15 21.20
C TYR A 139 2.57 -4.60 21.01
N ASN A 140 2.42 -3.52 20.26
CA ASN A 140 1.09 -2.98 19.98
C ASN A 140 1.14 -2.02 18.80
N ILE A 141 -0.03 -1.55 18.39
CA ILE A 141 -0.15 -0.70 17.21
C ILE A 141 0.58 0.61 17.40
N LYS A 142 0.53 1.15 18.62
CA LYS A 142 1.14 2.43 18.92
C LYS A 142 2.65 2.41 18.64
N LEU A 143 3.28 1.27 18.87
CA LEU A 143 4.70 1.14 18.61
C LEU A 143 4.97 1.13 17.11
N TRP A 144 4.10 0.47 16.35
CA TRP A 144 4.26 0.49 14.91
C TRP A 144 4.18 1.91 14.38
N LYS A 145 3.25 2.68 14.94
CA LYS A 145 3.10 4.08 14.55
C LYS A 145 4.35 4.88 14.91
N THR A 146 4.98 4.55 16.04
CA THR A 146 6.22 5.20 16.43
C THR A 146 7.33 4.92 15.41
N PHE A 147 7.42 3.68 14.94
CA PHE A 147 8.39 3.35 13.87
C PHE A 147 8.16 4.16 12.60
N THR A 148 6.90 4.37 12.22
N THR A 148 6.90 4.31 12.21
CA THR A 148 6.61 5.10 11.00
CA THR A 148 6.56 5.11 11.02
C THR A 148 6.99 6.58 11.09
C THR A 148 7.10 6.53 11.13
N ASP A 149 6.94 7.14 12.30
CA ASP A 149 7.41 8.50 12.53
C ASP A 149 8.92 8.56 12.37
N CYS A 150 9.58 7.49 12.80
CA CYS A 150 11.02 7.38 12.66
C CYS A 150 11.43 7.21 11.20
N PHE A 151 10.79 6.26 10.50
CA PHE A 151 11.11 5.99 9.10
C PHE A 151 10.91 7.23 8.21
N ASN A 152 9.91 8.05 8.56
CA ASN A 152 9.61 9.25 7.77
C ASN A 152 10.76 10.27 7.82
N CYS A 153 11.75 10.04 8.67
CA CYS A 153 12.88 10.96 8.78
C CYS A 153 14.20 10.41 8.24
N LEU A 154 14.18 9.19 7.69
CA LEU A 154 15.41 8.62 7.15
C LEU A 154 15.96 9.43 5.98
N PRO A 155 17.29 9.55 5.87
CA PRO A 155 17.84 10.17 4.66
C PRO A 155 17.55 9.34 3.41
N ILE A 156 17.68 9.96 2.24
CA ILE A 156 17.19 9.37 1.00
C ILE A 156 18.29 8.87 0.09
N ALA A 157 19.44 9.54 0.13
CA ALA A 157 20.55 9.13 -0.72
C ALA A 157 21.88 9.50 -0.09
N ALA A 158 22.97 8.99 -0.66
CA ALA A 158 24.30 9.27 -0.17
C ALA A 158 25.25 9.37 -1.35
N ILE A 159 26.28 10.18 -1.19
CA ILE A 159 27.33 10.25 -2.19
C ILE A 159 28.64 9.94 -1.47
N VAL A 160 29.33 8.91 -1.95
CA VAL A 160 30.59 8.48 -1.36
C VAL A 160 31.76 9.07 -2.16
N ASP A 161 32.60 9.84 -1.45
CA ASP A 161 33.77 10.53 -2.01
C ASP A 161 33.51 11.21 -3.36
N GLU A 162 32.34 11.83 -3.48
CA GLU A 162 31.90 12.56 -4.65
C GLU A 162 31.84 11.72 -5.93
N LYS A 163 31.86 10.39 -5.81
CA LYS A 163 31.94 9.54 -7.00
C LYS A 163 30.90 8.42 -7.06
N ILE A 164 30.39 7.99 -5.90
CA ILE A 164 29.41 6.90 -5.87
C ILE A 164 28.09 7.43 -5.34
N PHE A 165 27.06 7.40 -6.18
CA PHE A 165 25.72 7.83 -5.77
C PHE A 165 24.92 6.60 -5.35
N CYS A 166 24.40 6.66 -4.13
CA CYS A 166 23.71 5.53 -3.51
C CYS A 166 22.28 5.88 -3.18
N CYS A 167 21.34 5.01 -3.55
CA CYS A 167 19.97 5.16 -3.10
C CYS A 167 19.29 3.82 -3.20
N HIS A 168 18.08 3.68 -2.66
CA HIS A 168 17.47 2.37 -2.66
C HIS A 168 17.04 1.87 -4.04
N GLY A 169 16.25 2.69 -4.72
CA GLY A 169 15.62 2.28 -5.97
C GLY A 169 16.45 2.68 -7.17
N GLY A 170 16.38 3.96 -7.53
CA GLY A 170 17.11 4.37 -8.71
C GLY A 170 16.93 5.82 -9.07
N LEU A 171 17.10 6.10 -10.35
CA LEU A 171 17.05 7.47 -10.82
C LEU A 171 15.61 7.92 -11.05
N SER A 172 15.46 9.21 -11.34
CA SER A 172 14.18 9.84 -11.58
C SER A 172 14.28 10.76 -12.78
N PRO A 173 13.26 10.77 -13.66
CA PRO A 173 13.32 11.70 -14.78
C PRO A 173 13.11 13.14 -14.33
N ASP A 174 12.75 13.31 -13.06
CA ASP A 174 12.51 14.62 -12.49
C ASP A 174 13.80 15.23 -11.91
N LEU A 175 14.84 14.40 -11.78
CA LEU A 175 16.06 14.82 -11.07
C LEU A 175 17.09 15.51 -11.97
N GLN A 176 17.25 16.82 -11.78
CA GLN A 176 18.21 17.61 -12.55
C GLN A 176 19.40 18.09 -11.68
N SER A 177 19.14 18.35 -10.40
CA SER A 177 20.19 18.78 -9.49
C SER A 177 20.06 18.05 -8.17
N MET A 178 21.20 17.67 -7.58
CA MET A 178 21.20 17.08 -6.24
C MET A 178 20.49 17.99 -5.23
N GLU A 179 20.48 19.29 -5.50
CA GLU A 179 19.81 20.23 -4.62
C GLU A 179 18.32 19.91 -4.46
N GLN A 180 17.72 19.31 -5.49
CA GLN A 180 16.31 18.89 -5.38
C GLN A 180 16.11 17.87 -4.26
N ILE A 181 17.08 17.00 -4.06
CA ILE A 181 16.99 16.02 -2.99
C ILE A 181 17.17 16.76 -1.65
N ARG A 182 18.10 17.69 -1.62
CA ARG A 182 18.40 18.43 -0.41
C ARG A 182 17.22 19.25 0.07
N ARG A 183 16.34 19.64 -0.84
CA ARG A 183 15.22 20.48 -0.48
C ARG A 183 13.96 19.70 -0.12
N ILE A 184 14.04 18.37 -0.13
CA ILE A 184 12.96 17.56 0.41
C ILE A 184 12.91 17.75 1.93
N MET A 185 11.75 18.14 2.46
CA MET A 185 11.62 18.38 3.89
C MET A 185 11.18 17.11 4.61
N ARG A 186 11.75 16.88 5.78
CA ARG A 186 11.37 15.75 6.62
C ARG A 186 10.75 16.25 7.92
N PRO A 187 9.85 15.45 8.53
CA PRO A 187 9.37 14.13 8.12
C PRO A 187 8.50 14.18 6.89
N THR A 188 8.53 13.10 6.12
CA THR A 188 7.64 12.99 4.98
C THR A 188 7.27 11.54 4.71
N ASP A 189 6.05 11.34 4.23
CA ASP A 189 5.66 10.03 3.69
C ASP A 189 6.25 9.92 2.30
N VAL A 190 6.24 8.71 1.74
CA VAL A 190 6.61 8.55 0.34
C VAL A 190 5.40 8.80 -0.52
N PRO A 191 5.51 9.71 -1.50
CA PRO A 191 4.36 9.99 -2.37
C PRO A 191 4.11 8.86 -3.37
N ASP A 192 2.93 8.83 -3.99
CA ASP A 192 2.62 7.77 -4.97
C ASP A 192 3.35 7.95 -6.31
N GLN A 193 3.82 9.16 -6.56
CA GLN A 193 4.64 9.46 -7.74
C GLN A 193 5.52 10.65 -7.41
N GLY A 194 6.52 10.90 -8.25
CA GLY A 194 7.40 12.05 -8.05
C GLY A 194 8.81 11.64 -7.71
N LEU A 195 9.65 12.64 -7.46
CA LEU A 195 11.07 12.43 -7.20
C LEU A 195 11.36 11.42 -6.09
N LEU A 196 10.78 11.61 -4.91
CA LEU A 196 11.07 10.74 -3.79
C LEU A 196 10.59 9.31 -4.07
N CYS A 197 9.41 9.19 -4.68
CA CYS A 197 8.92 7.88 -5.12
C CYS A 197 9.95 7.19 -6.03
N ASP A 198 10.40 7.88 -7.06
CA ASP A 198 11.36 7.29 -7.99
C ASP A 198 12.67 6.85 -7.35
N LEU A 199 13.22 7.68 -6.45
CA LEU A 199 14.46 7.32 -5.77
C LEU A 199 14.33 6.04 -4.96
N LEU A 200 13.12 5.75 -4.50
CA LEU A 200 12.91 4.53 -3.72
C LEU A 200 12.35 3.35 -4.52
N TRP A 201 11.82 3.59 -5.72
CA TRP A 201 11.07 2.54 -6.42
C TRP A 201 11.57 2.19 -7.85
N SER A 202 12.38 3.03 -8.47
CA SER A 202 12.65 2.79 -9.90
C SER A 202 13.68 1.66 -10.10
N ASP A 203 13.75 1.15 -11.33
CA ASP A 203 14.63 0.05 -11.68
C ASP A 203 15.36 0.28 -12.99
N PRO A 204 16.60 -0.19 -13.09
CA PRO A 204 17.27 -0.25 -14.41
C PRO A 204 16.66 -1.37 -15.26
N ASP A 205 16.68 -1.21 -16.58
CA ASP A 205 16.16 -2.25 -17.47
C ASP A 205 16.96 -2.26 -18.75
N LYS A 206 17.47 -3.43 -19.12
CA LYS A 206 18.31 -3.52 -20.31
C LYS A 206 17.54 -3.34 -21.62
N ASP A 207 16.22 -3.52 -21.59
CA ASP A 207 15.43 -3.47 -22.81
C ASP A 207 14.66 -2.15 -22.99
N VAL A 208 14.90 -1.17 -22.12
CA VAL A 208 14.25 0.12 -22.28
C VAL A 208 15.25 1.14 -22.85
N LEU A 209 14.77 1.97 -23.77
CA LEU A 209 15.58 3.09 -24.23
C LEU A 209 14.95 4.36 -23.67
N GLY A 210 15.67 5.01 -22.75
CA GLY A 210 15.15 6.18 -22.05
C GLY A 210 14.42 5.74 -20.80
N TRP A 211 13.20 6.23 -20.63
CA TRP A 211 12.36 5.90 -19.48
C TRP A 211 11.19 5.04 -19.93
N GLY A 212 10.75 4.14 -19.07
CA GLY A 212 9.60 3.33 -19.35
C GLY A 212 8.75 3.19 -18.13
N GLU A 213 7.51 2.77 -18.31
N GLU A 213 7.52 2.76 -18.34
CA GLU A 213 6.65 2.54 -17.14
CA GLU A 213 6.63 2.41 -17.24
C GLU A 213 6.96 1.19 -16.51
C GLU A 213 7.22 1.18 -16.55
N ASN A 214 7.28 1.22 -15.22
CA ASN A 214 7.76 0.03 -14.49
C ASN A 214 6.66 -1.02 -14.36
N ASP A 215 7.00 -2.27 -14.70
CA ASP A 215 6.05 -3.39 -14.61
C ASP A 215 5.48 -3.62 -13.21
N ARG A 216 6.22 -3.15 -12.20
CA ARG A 216 5.75 -3.22 -10.82
C ARG A 216 4.44 -2.46 -10.64
N GLY A 217 4.23 -1.45 -11.47
CA GLY A 217 3.05 -0.61 -11.34
C GLY A 217 3.32 0.66 -10.55
N VAL A 218 4.58 0.84 -10.12
CA VAL A 218 4.99 2.06 -9.43
C VAL A 218 6.22 2.59 -10.13
N SER A 219 6.25 3.90 -10.40
CA SER A 219 7.46 4.57 -10.90
C SER A 219 7.91 4.05 -12.27
N PHE A 220 9.21 4.09 -12.54
CA PHE A 220 9.73 3.90 -13.89
C PHE A 220 10.83 2.85 -14.00
N THR A 221 11.13 2.48 -15.23
CA THR A 221 12.39 1.84 -15.58
C THR A 221 13.26 2.85 -16.35
N PHE A 222 14.57 2.66 -16.31
CA PHE A 222 15.50 3.51 -17.08
C PHE A 222 16.59 2.66 -17.72
N GLY A 223 17.10 3.14 -18.85
CA GLY A 223 18.09 2.42 -19.62
C GLY A 223 19.52 2.82 -19.32
N ALA A 224 20.43 2.15 -20.00
CA ALA A 224 21.86 2.33 -19.78
C ALA A 224 22.36 3.71 -20.18
N GLU A 225 21.76 4.32 -21.20
CA GLU A 225 22.18 5.65 -21.61
C GLU A 225 21.70 6.71 -20.61
N VAL A 226 20.58 6.46 -19.94
CA VAL A 226 20.15 7.35 -18.86
C VAL A 226 21.19 7.35 -17.74
N VAL A 227 21.69 6.17 -17.40
CA VAL A 227 22.74 6.05 -16.38
C VAL A 227 23.99 6.83 -16.82
N ALA A 228 24.40 6.63 -18.06
CA ALA A 228 25.62 7.28 -18.57
C ALA A 228 25.49 8.81 -18.49
N LYS A 229 24.34 9.32 -18.89
CA LYS A 229 24.13 10.78 -18.87
C LYS A 229 24.10 11.33 -17.45
N PHE A 230 23.49 10.60 -16.53
CA PHE A 230 23.47 10.97 -15.12
C PHE A 230 24.88 11.08 -14.56
N LEU A 231 25.68 10.04 -14.79
CA LEU A 231 27.05 10.03 -14.28
C LEU A 231 27.87 11.17 -14.87
N HIS A 232 27.72 11.41 -16.17
CA HIS A 232 28.49 12.48 -16.81
C HIS A 232 28.08 13.83 -16.28
N LYS A 233 26.76 14.06 -16.14
CA LYS A 233 26.27 15.36 -15.71
C LYS A 233 26.75 15.71 -14.29
N HIS A 234 26.80 14.71 -13.43
CA HIS A 234 27.11 14.94 -12.01
C HIS A 234 28.54 14.56 -11.61
N ASP A 235 29.37 14.25 -12.60
CA ASP A 235 30.77 13.87 -12.39
C ASP A 235 30.90 12.71 -11.40
N LEU A 236 30.09 11.68 -11.62
CA LEU A 236 30.08 10.49 -10.79
C LEU A 236 30.66 9.30 -11.55
N ASP A 237 31.05 8.25 -10.84
CA ASP A 237 31.60 7.04 -11.47
C ASP A 237 30.66 5.85 -11.44
N LEU A 238 29.77 5.82 -10.44
CA LEU A 238 29.01 4.63 -10.14
C LEU A 238 27.70 4.94 -9.43
N ILE A 239 26.63 4.27 -9.84
CA ILE A 239 25.40 4.27 -9.08
C ILE A 239 25.31 2.96 -8.30
N CYS A 240 25.11 3.05 -7.00
CA CYS A 240 24.96 1.87 -6.15
C CYS A 240 23.54 1.86 -5.57
N ARG A 241 22.77 0.81 -5.88
CA ARG A 241 21.37 0.77 -5.43
C ARG A 241 21.01 -0.64 -5.02
N ALA A 242 19.79 -0.85 -4.55
CA ALA A 242 19.35 -2.16 -4.06
C ALA A 242 18.05 -2.54 -4.75
N HIS A 243 17.04 -3.00 -4.01
CA HIS A 243 15.64 -3.03 -4.46
C HIS A 243 15.30 -4.15 -5.48
N GLN A 244 16.28 -4.95 -5.86
CA GLN A 244 15.99 -6.09 -6.73
C GLN A 244 16.78 -7.31 -6.28
N VAL A 245 16.10 -8.44 -6.15
CA VAL A 245 16.78 -9.70 -5.86
C VAL A 245 17.65 -10.08 -7.05
N VAL A 246 18.92 -10.33 -6.79
CA VAL A 246 19.82 -10.76 -7.85
C VAL A 246 20.56 -12.01 -7.38
N GLU A 247 20.78 -12.92 -8.32
CA GLU A 247 21.28 -14.27 -8.06
C GLU A 247 22.49 -14.34 -7.15
N ASP A 248 23.48 -13.51 -7.43
CA ASP A 248 24.76 -13.56 -6.73
C ASP A 248 24.88 -12.47 -5.69
N GLY A 249 23.76 -11.81 -5.37
CA GLY A 249 23.76 -10.76 -4.36
C GLY A 249 24.21 -9.41 -4.89
N TYR A 250 24.95 -9.42 -5.99
CA TYR A 250 25.29 -8.17 -6.66
C TYR A 250 25.18 -8.39 -8.16
N GLU A 251 24.85 -7.33 -8.87
CA GLU A 251 24.71 -7.42 -10.32
C GLU A 251 25.03 -6.08 -10.98
N PHE A 252 25.90 -6.11 -11.98
CA PHE A 252 26.25 -4.91 -12.71
C PHE A 252 25.26 -4.60 -13.83
N PHE A 253 25.20 -3.33 -14.19
CA PHE A 253 24.34 -2.81 -15.24
C PHE A 253 25.10 -1.73 -16.01
N ALA A 254 24.86 -1.62 -17.31
CA ALA A 254 25.49 -0.58 -18.12
C ALA A 254 27.03 -0.54 -17.99
N LYS A 255 27.68 -1.66 -18.29
CA LYS A 255 29.16 -1.72 -18.30
C LYS A 255 29.75 -1.18 -16.98
N ARG A 256 29.23 -1.73 -15.89
CA ARG A 256 29.65 -1.44 -14.51
C ARG A 256 29.48 0.01 -14.05
N GLN A 257 28.57 0.73 -14.71
CA GLN A 257 28.25 2.09 -14.29
C GLN A 257 27.21 2.09 -13.17
N LEU A 258 26.51 0.97 -13.02
CA LEU A 258 25.52 0.82 -11.96
C LEU A 258 25.69 -0.56 -11.37
N VAL A 259 25.55 -0.67 -10.04
CA VAL A 259 25.52 -1.97 -9.41
C VAL A 259 24.30 -2.07 -8.49
N THR A 260 23.67 -3.24 -8.52
CA THR A 260 22.58 -3.58 -7.60
C THR A 260 23.13 -4.49 -6.51
N LEU A 261 22.84 -4.14 -5.24
CA LEU A 261 23.22 -4.98 -4.10
C LEU A 261 21.98 -5.46 -3.38
N PHE A 262 21.98 -6.73 -3.00
CA PHE A 262 20.87 -7.31 -2.26
C PHE A 262 21.48 -8.20 -1.18
N SER A 263 21.12 -7.97 0.06
CA SER A 263 21.87 -8.58 1.15
C SER A 263 21.10 -9.62 1.96
N ALA A 264 19.96 -10.08 1.43
CA ALA A 264 19.18 -11.08 2.15
C ALA A 264 19.23 -12.42 1.44
N PRO A 265 20.11 -13.34 1.90
CA PRO A 265 20.22 -14.65 1.26
C PRO A 265 18.93 -15.46 1.30
N ASN A 266 18.68 -16.24 0.25
CA ASN A 266 17.46 -17.02 0.10
C ASN A 266 16.21 -16.26 0.51
N TYR A 267 16.05 -15.09 -0.09
CA TYR A 267 14.96 -14.19 0.22
C TYR A 267 13.59 -14.87 0.17
N CYS A 268 12.82 -14.70 1.25
CA CYS A 268 11.48 -15.28 1.40
C CYS A 268 11.48 -16.80 1.40
N GLY A 269 12.66 -17.41 1.43
CA GLY A 269 12.78 -18.86 1.28
C GLY A 269 12.32 -19.29 -0.10
N GLU A 270 12.36 -18.37 -1.05
CA GLU A 270 11.87 -18.61 -2.40
C GLU A 270 12.97 -18.58 -3.45
N PHE A 271 13.89 -17.62 -3.29
CA PHE A 271 14.70 -17.20 -4.42
C PHE A 271 16.07 -17.87 -4.57
N ASP A 272 16.59 -18.47 -3.50
CA ASP A 272 17.86 -19.20 -3.56
C ASP A 272 19.03 -18.28 -3.96
N ASN A 273 18.85 -16.98 -3.72
CA ASN A 273 19.86 -15.97 -4.02
C ASN A 273 20.94 -15.86 -2.96
N ALA A 274 22.12 -15.43 -3.35
CA ALA A 274 23.13 -15.04 -2.39
C ALA A 274 22.89 -13.62 -1.90
N GLY A 275 23.45 -13.25 -0.75
CA GLY A 275 23.42 -11.86 -0.31
C GLY A 275 24.81 -11.30 -0.48
N ALA A 276 24.95 -10.04 -0.87
CA ALA A 276 26.28 -9.47 -1.05
C ALA A 276 26.49 -8.22 -0.24
N MET A 277 27.76 -7.94 0.07
CA MET A 277 28.18 -6.73 0.77
C MET A 277 29.34 -6.16 -0.05
N MET A 278 29.28 -4.87 -0.38
CA MET A 278 30.36 -4.27 -1.17
C MET A 278 31.28 -3.45 -0.29
N SER A 279 32.58 -3.75 -0.31
CA SER A 279 33.54 -2.94 0.42
C SER A 279 34.15 -1.91 -0.50
N VAL A 280 34.23 -0.67 -0.03
CA VAL A 280 34.87 0.39 -0.80
C VAL A 280 36.10 0.84 -0.04
N ASP A 281 37.30 0.71 -0.61
CA ASP A 281 38.47 1.12 0.15
C ASP A 281 38.78 2.60 -0.09
N GLU A 282 39.83 3.12 0.52
CA GLU A 282 40.05 4.56 0.50
C GLU A 282 40.34 5.05 -0.92
N THR A 283 40.80 4.15 -1.79
CA THR A 283 41.08 4.53 -3.16
C THR A 283 39.87 4.35 -4.07
N LEU A 284 38.75 3.92 -3.47
CA LEU A 284 37.49 3.61 -4.17
C LEU A 284 37.59 2.36 -5.01
N MET A 285 38.48 1.45 -4.60
CA MET A 285 38.44 0.11 -5.15
C MET A 285 37.30 -0.65 -4.48
N CYS A 286 36.41 -1.23 -5.27
CA CYS A 286 35.25 -1.93 -4.73
C CYS A 286 35.42 -3.44 -4.84
N SER A 287 35.09 -4.16 -3.77
CA SER A 287 35.21 -5.61 -3.78
C SER A 287 33.94 -6.18 -3.15
N PHE A 288 33.64 -7.44 -3.46
CA PHE A 288 32.41 -8.04 -2.99
C PHE A 288 32.64 -9.25 -2.11
N GLN A 289 31.85 -9.35 -1.06
CA GLN A 289 31.74 -10.57 -0.25
C GLN A 289 30.32 -11.06 -0.44
N ILE A 290 30.15 -12.35 -0.74
CA ILE A 290 28.80 -12.84 -0.91
C ILE A 290 28.51 -14.02 0.02
N LEU A 291 27.31 -13.97 0.60
CA LEU A 291 26.83 -15.03 1.48
C LEU A 291 25.88 -15.93 0.73
N LYS A 292 26.33 -17.15 0.43
CA LYS A 292 25.54 -18.09 -0.35
C LYS A 292 24.75 -18.99 0.60
N PRO A 293 23.44 -19.13 0.36
CA PRO A 293 22.65 -19.99 1.24
C PRO A 293 22.99 -21.47 1.03
N ALA A 294 23.01 -22.24 2.11
CA ALA A 294 23.26 -23.67 2.00
C ALA A 294 22.27 -24.44 2.87
N GLU A 295 22.15 -25.74 2.61
CA GLU A 295 21.24 -26.56 3.40
C GLU A 295 21.65 -26.59 4.88
N LYS B 14 40.50 10.75 -7.78
CA LYS B 14 40.07 9.40 -7.42
C LYS B 14 39.13 8.78 -8.45
N LYS B 15 39.24 7.46 -8.61
CA LYS B 15 38.46 6.75 -9.61
C LYS B 15 37.98 5.42 -9.06
N VAL B 16 36.72 5.11 -9.26
CA VAL B 16 36.18 3.83 -8.85
C VAL B 16 36.77 2.71 -9.69
N THR B 17 37.28 1.68 -9.03
CA THR B 17 37.70 0.46 -9.70
C THR B 17 37.11 -0.75 -8.99
N PHE B 18 37.21 -1.91 -9.62
CA PHE B 18 36.65 -3.13 -9.07
C PHE B 18 37.67 -4.25 -8.99
N LEU B 19 37.69 -4.93 -7.84
CA LEU B 19 38.50 -6.13 -7.67
C LEU B 19 37.76 -7.28 -8.32
N GLU B 20 38.43 -8.06 -9.15
CA GLU B 20 37.73 -9.14 -9.84
C GLU B 20 37.48 -10.31 -8.90
N GLU B 21 38.37 -10.51 -7.92
CA GLU B 21 38.22 -11.63 -7.00
C GLU B 21 37.07 -11.40 -6.03
N VAL B 22 36.07 -12.27 -6.10
CA VAL B 22 34.96 -12.21 -5.17
C VAL B 22 35.19 -13.22 -4.05
N THR B 23 34.92 -12.80 -2.82
CA THR B 23 35.02 -13.68 -1.67
C THR B 23 33.66 -14.28 -1.37
N GLU B 24 33.57 -15.61 -1.39
CA GLU B 24 32.30 -16.30 -1.20
C GLU B 24 32.26 -17.08 0.13
N TYR B 25 31.14 -16.97 0.82
CA TYR B 25 30.92 -17.76 2.03
C TYR B 25 29.63 -18.56 1.88
N TYR B 26 29.59 -19.72 2.53
CA TYR B 26 28.38 -20.52 2.52
C TYR B 26 27.72 -20.49 3.90
N ILE B 27 26.45 -20.14 3.92
CA ILE B 27 25.70 -20.06 5.16
C ILE B 27 24.78 -21.26 5.32
N SER B 28 25.19 -22.20 6.18
CA SER B 28 24.38 -23.40 6.40
C SER B 28 23.07 -23.03 7.10
N GLY B 29 22.00 -23.73 6.74
CA GLY B 29 20.71 -23.51 7.37
C GLY B 29 19.86 -22.44 6.71
N ASP B 30 20.41 -21.73 5.73
CA ASP B 30 19.67 -20.64 5.09
C ASP B 30 18.71 -21.15 4.02
N GLU B 31 18.81 -22.44 3.70
CA GLU B 31 17.75 -23.13 2.98
C GLU B 31 16.82 -23.74 4.00
N ASP B 32 15.51 -23.63 3.78
CA ASP B 32 14.51 -24.16 4.71
C ASP B 32 14.75 -23.70 6.15
N ARG B 33 14.70 -22.40 6.37
CA ARG B 33 14.94 -21.82 7.69
C ARG B 33 13.99 -22.36 8.75
N MET C 1 -16.08 2.41 -32.17
CA MET C 1 -16.75 3.23 -31.17
C MET C 1 -17.29 2.39 -30.03
N LEU C 2 -17.46 3.02 -28.87
CA LEU C 2 -18.10 2.38 -27.74
C LEU C 2 -19.58 2.19 -28.06
N ASN C 3 -19.97 0.94 -28.28
CA ASN C 3 -21.38 0.62 -28.42
C ASN C 3 -21.89 0.09 -27.10
N ILE C 4 -22.41 0.98 -26.27
CA ILE C 4 -22.72 0.61 -24.89
C ILE C 4 -23.76 -0.53 -24.82
N ASP C 5 -24.75 -0.52 -25.70
CA ASP C 5 -25.74 -1.60 -25.69
C ASP C 5 -25.07 -2.94 -25.98
N SER C 6 -24.17 -2.93 -26.97
CA SER C 6 -23.45 -4.14 -27.35
C SER C 6 -22.58 -4.65 -26.22
N ILE C 7 -21.90 -3.72 -25.54
CA ILE C 7 -21.01 -4.08 -24.44
C ILE C 7 -21.80 -4.73 -23.31
N ILE C 8 -22.95 -4.15 -22.96
CA ILE C 8 -23.76 -4.70 -21.90
C ILE C 8 -24.29 -6.08 -22.28
N GLN C 9 -24.71 -6.24 -23.53
CA GLN C 9 -25.22 -7.53 -23.97
C GLN C 9 -24.14 -8.62 -23.89
N ARG C 10 -22.91 -8.25 -24.21
CA ARG C 10 -21.80 -9.21 -24.16
C ARG C 10 -21.45 -9.59 -22.72
N LEU C 11 -21.50 -8.61 -21.83
CA LEU C 11 -21.20 -8.87 -20.44
C LEU C 11 -22.26 -9.75 -19.81
N LEU C 12 -23.51 -9.62 -20.25
CA LEU C 12 -24.59 -10.42 -19.69
C LEU C 12 -24.66 -11.80 -20.33
N GLU C 13 -23.74 -12.09 -21.25
CA GLU C 13 -23.75 -13.39 -21.92
C GLU C 13 -23.28 -14.51 -20.99
N VAL C 14 -22.59 -14.15 -19.90
CA VAL C 14 -22.16 -15.16 -18.94
C VAL C 14 -23.34 -15.81 -18.23
N ARG C 15 -24.46 -15.12 -18.14
CA ARG C 15 -25.64 -15.69 -17.49
C ARG C 15 -26.53 -16.36 -18.53
N GLY C 16 -25.96 -16.63 -19.70
CA GLY C 16 -26.64 -17.39 -20.72
C GLY C 16 -25.92 -18.70 -21.00
N ASN C 22 -15.45 -16.18 -18.76
CA ASN C 22 -14.91 -14.84 -18.90
C ASN C 22 -15.44 -14.10 -20.13
N VAL C 23 -15.75 -12.83 -19.96
CA VAL C 23 -16.05 -11.96 -21.08
C VAL C 23 -14.75 -11.29 -21.51
N GLN C 24 -14.35 -11.48 -22.76
CA GLN C 24 -13.13 -10.83 -23.22
C GLN C 24 -13.45 -9.68 -24.17
N LEU C 25 -13.85 -8.56 -23.58
CA LEU C 25 -14.01 -7.31 -24.30
C LEU C 25 -12.66 -6.89 -24.87
N GLN C 26 -12.67 -6.12 -25.94
CA GLN C 26 -11.44 -5.57 -26.47
C GLN C 26 -10.86 -4.53 -25.50
N GLU C 27 -9.55 -4.44 -25.46
CA GLU C 27 -8.90 -3.47 -24.59
C GLU C 27 -9.39 -2.05 -24.86
N ASN C 28 -9.60 -1.71 -26.15
CA ASN C 28 -10.05 -0.38 -26.51
C ASN C 28 -11.48 -0.09 -26.04
N GLU C 29 -12.30 -1.13 -25.93
CA GLU C 29 -13.62 -1.00 -25.33
C GLU C 29 -13.54 -0.72 -23.81
N ILE C 30 -12.67 -1.46 -23.11
CA ILE C 30 -12.54 -1.27 -21.67
C ILE C 30 -12.01 0.13 -21.38
N ARG C 31 -11.02 0.54 -22.16
CA ARG C 31 -10.47 1.90 -22.05
C ARG C 31 -11.56 2.94 -22.24
N GLY C 32 -12.42 2.73 -23.22
CA GLY C 32 -13.55 3.61 -23.45
C GLY C 32 -14.52 3.71 -22.29
N LEU C 33 -14.85 2.58 -21.66
CA LEU C 33 -15.67 2.57 -20.45
C LEU C 33 -15.06 3.47 -19.36
N CYS C 34 -13.75 3.35 -19.18
CA CYS C 34 -13.05 4.11 -18.14
C CYS C 34 -13.09 5.59 -18.45
N LEU C 35 -12.82 5.95 -19.71
CA LEU C 35 -12.72 7.35 -20.08
C LEU C 35 -14.08 8.02 -20.09
N LYS C 36 -15.10 7.31 -20.59
CA LYS C 36 -16.43 7.88 -20.64
C LYS C 36 -17.05 7.99 -19.24
N SER C 37 -16.87 6.97 -18.41
CA SER C 37 -17.40 7.05 -17.05
C SER C 37 -16.67 8.12 -16.24
N ARG C 38 -15.37 8.27 -16.48
CA ARG C 38 -14.58 9.30 -15.81
C ARG C 38 -15.16 10.71 -16.03
N GLU C 39 -15.54 11.00 -17.27
CA GLU C 39 -16.15 12.29 -17.61
C GLU C 39 -17.44 12.50 -16.82
N ILE C 40 -18.23 11.45 -16.72
CA ILE C 40 -19.51 11.51 -16.02
C ILE C 40 -19.28 11.73 -14.51
N PHE C 41 -18.36 10.97 -13.92
CA PHE C 41 -18.03 11.15 -12.50
C PHE C 41 -17.64 12.60 -12.22
N LEU C 42 -16.79 13.17 -13.07
CA LEU C 42 -16.32 14.53 -12.82
C LEU C 42 -17.42 15.57 -13.02
N SER C 43 -18.40 15.27 -13.87
N SER C 43 -18.42 15.23 -13.84
CA SER C 43 -19.47 16.22 -14.10
CA SER C 43 -19.51 16.15 -14.16
C SER C 43 -20.37 16.27 -12.87
C SER C 43 -20.64 16.07 -13.13
N GLN C 44 -20.51 15.14 -12.20
CA GLN C 44 -21.44 15.02 -11.09
C GLN C 44 -20.76 15.40 -9.79
N PRO C 45 -21.55 15.75 -8.77
CA PRO C 45 -20.96 16.17 -7.49
C PRO C 45 -20.15 15.05 -6.83
N ILE C 46 -19.16 15.44 -6.03
CA ILE C 46 -18.35 14.45 -5.31
C ILE C 46 -19.15 13.96 -4.10
N LEU C 47 -20.12 14.78 -3.68
CA LEU C 47 -21.09 14.37 -2.67
C LEU C 47 -22.44 14.33 -3.38
N LEU C 48 -22.90 13.11 -3.68
CA LEU C 48 -24.13 12.92 -4.44
C LEU C 48 -25.35 13.26 -3.60
N GLU C 49 -26.34 13.87 -4.24
CA GLU C 49 -27.62 14.08 -3.57
C GLU C 49 -28.66 13.30 -4.36
N LEU C 50 -29.12 12.22 -3.78
CA LEU C 50 -29.98 11.26 -4.46
C LEU C 50 -31.39 11.24 -3.89
N GLU C 51 -32.35 10.81 -4.70
CA GLU C 51 -33.72 10.65 -4.23
C GLU C 51 -34.13 9.18 -4.21
N ALA C 52 -34.94 8.80 -3.23
CA ALA C 52 -35.56 7.48 -3.21
C ALA C 52 -36.69 7.45 -4.25
N PRO C 53 -37.08 6.26 -4.74
CA PRO C 53 -36.57 4.94 -4.35
C PRO C 53 -35.26 4.55 -4.99
N LEU C 54 -34.50 3.73 -4.29
CA LEU C 54 -33.30 3.15 -4.86
C LEU C 54 -32.87 1.94 -4.06
N LYS C 55 -31.96 1.19 -4.65
CA LYS C 55 -31.41 0.00 -4.01
C LYS C 55 -29.93 0.22 -3.74
N ILE C 56 -29.52 -0.13 -2.53
CA ILE C 56 -28.15 0.13 -2.09
C ILE C 56 -27.43 -1.18 -1.83
N CYS C 57 -26.24 -1.31 -2.41
CA CYS C 57 -25.39 -2.50 -2.24
C CYS C 57 -24.03 -2.15 -1.65
N GLY C 58 -23.49 -3.07 -0.85
CA GLY C 58 -22.14 -2.94 -0.31
C GLY C 58 -21.11 -3.65 -1.17
N ASP C 59 -20.00 -4.08 -0.56
CA ASP C 59 -18.86 -4.66 -1.28
C ASP C 59 -19.25 -5.73 -2.28
N ILE C 60 -18.65 -5.70 -3.48
CA ILE C 60 -18.81 -6.77 -4.47
C ILE C 60 -17.54 -7.59 -4.64
N HIS C 61 -16.38 -6.92 -4.56
CA HIS C 61 -15.07 -7.57 -4.62
C HIS C 61 -14.95 -8.59 -5.74
N GLY C 62 -15.30 -8.18 -6.96
CA GLY C 62 -15.07 -9.00 -8.14
C GLY C 62 -15.90 -10.26 -8.24
N GLN C 63 -16.94 -10.38 -7.42
CA GLN C 63 -17.77 -11.58 -7.50
C GLN C 63 -18.88 -11.32 -8.52
N TYR C 64 -18.50 -11.51 -9.78
CA TYR C 64 -19.35 -11.07 -10.88
C TYR C 64 -20.67 -11.82 -10.95
N TYR C 65 -20.61 -13.13 -10.76
CA TYR C 65 -21.83 -13.93 -10.79
C TYR C 65 -22.80 -13.50 -9.68
N ASP C 66 -22.26 -13.12 -8.52
CA ASP C 66 -23.11 -12.63 -7.45
C ASP C 66 -23.66 -11.24 -7.75
N LEU C 67 -22.90 -10.41 -8.46
CA LEU C 67 -23.40 -9.12 -8.91
C LEU C 67 -24.60 -9.35 -9.82
N LEU C 68 -24.48 -10.31 -10.73
CA LEU C 68 -25.58 -10.60 -11.65
C LEU C 68 -26.83 -11.05 -10.87
N ARG C 69 -26.63 -11.77 -9.78
CA ARG C 69 -27.75 -12.23 -8.97
C ARG C 69 -28.45 -11.07 -8.27
N LEU C 70 -27.67 -10.12 -7.77
CA LEU C 70 -28.23 -8.90 -7.18
C LEU C 70 -29.14 -8.20 -8.18
N PHE C 71 -28.70 -8.08 -9.43
CA PHE C 71 -29.53 -7.44 -10.43
C PHE C 71 -30.77 -8.26 -10.76
N GLU C 72 -30.64 -9.59 -10.78
CA GLU C 72 -31.78 -10.46 -11.06
C GLU C 72 -32.87 -10.27 -10.02
N TYR C 73 -32.48 -10.10 -8.76
CA TYR C 73 -33.50 -9.98 -7.71
C TYR C 73 -33.91 -8.54 -7.45
N GLY C 74 -33.03 -7.60 -7.77
CA GLY C 74 -33.32 -6.19 -7.57
C GLY C 74 -33.99 -5.56 -8.77
N GLY C 75 -33.75 -6.14 -9.94
CA GLY C 75 -34.22 -5.57 -11.19
C GLY C 75 -33.05 -4.97 -11.94
N PHE C 76 -32.93 -5.31 -13.22
CA PHE C 76 -31.85 -4.76 -14.01
C PHE C 76 -32.09 -3.26 -14.28
N PRO C 77 -31.02 -2.46 -14.27
CA PRO C 77 -31.15 -1.05 -14.65
C PRO C 77 -31.87 -0.89 -16.00
N PRO C 78 -32.76 0.10 -16.13
CA PRO C 78 -33.10 1.10 -15.11
C PRO C 78 -34.42 0.77 -14.38
N GLU C 79 -34.74 -0.52 -14.24
CA GLU C 79 -35.96 -0.93 -13.52
C GLU C 79 -35.93 -0.42 -12.08
N SER C 80 -34.73 -0.42 -11.51
CA SER C 80 -34.46 0.15 -10.20
C SER C 80 -33.30 1.11 -10.32
N ASN C 81 -33.27 2.14 -9.49
CA ASN C 81 -32.08 2.95 -9.31
C ASN C 81 -31.13 2.23 -8.36
N TYR C 82 -29.82 2.38 -8.59
CA TYR C 82 -28.82 1.73 -7.73
C TYR C 82 -27.78 2.70 -7.20
N LEU C 83 -27.39 2.46 -5.95
CA LEU C 83 -26.21 3.09 -5.37
C LEU C 83 -25.31 1.99 -4.83
N PHE C 84 -24.07 1.93 -5.30
CA PHE C 84 -23.09 0.97 -4.78
C PHE C 84 -22.10 1.70 -3.88
N LEU C 85 -21.70 1.06 -2.78
CA LEU C 85 -20.89 1.73 -1.76
C LEU C 85 -19.38 1.44 -1.85
N GLY C 86 -18.92 0.94 -2.99
CA GLY C 86 -17.49 0.77 -3.24
C GLY C 86 -16.98 -0.66 -3.12
N ASP C 87 -15.67 -0.81 -3.33
CA ASP C 87 -14.95 -2.09 -3.32
C ASP C 87 -15.51 -3.05 -4.37
N TYR C 88 -15.29 -2.68 -5.62
CA TYR C 88 -15.76 -3.44 -6.79
C TYR C 88 -14.75 -4.49 -7.23
N VAL C 89 -13.47 -4.24 -6.91
CA VAL C 89 -12.36 -5.07 -7.37
C VAL C 89 -11.59 -5.64 -6.19
N ASP C 90 -10.61 -6.48 -6.50
CA ASP C 90 -9.76 -7.18 -5.54
C ASP C 90 -10.49 -8.35 -4.91
N ARG C 91 -9.69 -9.38 -4.61
CA ARG C 91 -10.05 -10.56 -3.83
C ARG C 91 -10.85 -11.59 -4.62
N GLY C 92 -11.79 -11.13 -5.45
CA GLY C 92 -12.62 -12.02 -6.23
C GLY C 92 -12.03 -12.48 -7.55
N LYS C 93 -12.76 -13.33 -8.26
CA LYS C 93 -12.22 -13.96 -9.45
C LYS C 93 -12.47 -13.16 -10.74
N GLN C 94 -13.47 -12.28 -10.72
CA GLN C 94 -13.86 -11.60 -11.96
C GLN C 94 -14.04 -10.10 -11.76
N SER C 95 -13.00 -9.45 -11.25
CA SER C 95 -13.03 -8.01 -11.05
C SER C 95 -13.22 -7.25 -12.38
N LEU C 96 -12.60 -7.72 -13.46
CA LEU C 96 -12.74 -7.00 -14.72
C LEU C 96 -14.19 -6.95 -15.21
N GLU C 97 -14.86 -8.09 -15.24
CA GLU C 97 -16.26 -8.13 -15.67
C GLU C 97 -17.14 -7.31 -14.74
N THR C 98 -16.86 -7.39 -13.45
CA THR C 98 -17.62 -6.64 -12.47
C THR C 98 -17.56 -5.15 -12.73
N ILE C 99 -16.34 -4.59 -12.82
CA ILE C 99 -16.23 -3.14 -12.93
C ILE C 99 -16.68 -2.71 -14.34
N CYS C 100 -16.48 -3.57 -15.34
CA CYS C 100 -16.92 -3.23 -16.69
C CYS C 100 -18.43 -3.08 -16.76
N LEU C 101 -19.18 -4.01 -16.16
CA LEU C 101 -20.63 -3.90 -16.18
C LEU C 101 -21.09 -2.68 -15.39
N LEU C 102 -20.48 -2.42 -14.25
CA LEU C 102 -20.83 -1.25 -13.43
C LEU C 102 -20.60 0.05 -14.20
N LEU C 103 -19.44 0.17 -14.83
CA LEU C 103 -19.13 1.38 -15.62
C LEU C 103 -20.05 1.51 -16.83
N ALA C 104 -20.39 0.39 -17.46
CA ALA C 104 -21.28 0.42 -18.62
C ALA C 104 -22.67 0.93 -18.20
N TYR C 105 -23.16 0.48 -17.05
CA TYR C 105 -24.45 0.97 -16.58
C TYR C 105 -24.39 2.44 -16.18
N LYS C 106 -23.27 2.88 -15.60
CA LYS C 106 -23.09 4.29 -15.30
C LYS C 106 -23.16 5.14 -16.57
N ILE C 107 -22.56 4.66 -17.65
CA ILE C 107 -22.56 5.39 -18.91
C ILE C 107 -23.95 5.41 -19.57
N LYS C 108 -24.66 4.29 -19.49
CA LYS C 108 -25.97 4.22 -20.13
C LYS C 108 -27.03 4.97 -19.34
N TYR C 109 -26.94 4.89 -18.02
CA TYR C 109 -27.97 5.47 -17.17
C TYR C 109 -27.36 6.36 -16.09
N PRO C 110 -26.71 7.46 -16.51
CA PRO C 110 -25.88 8.24 -15.57
C PRO C 110 -26.65 8.90 -14.42
N GLU C 111 -27.95 9.07 -14.54
CA GLU C 111 -28.71 9.67 -13.43
C GLU C 111 -29.58 8.65 -12.70
N ASN C 112 -29.41 7.36 -13.04
CA ASN C 112 -30.17 6.29 -12.38
C ASN C 112 -29.28 5.26 -11.70
N PHE C 113 -27.97 5.47 -11.78
CA PHE C 113 -27.01 4.44 -11.41
C PHE C 113 -25.80 5.15 -10.85
N PHE C 114 -25.43 4.80 -9.61
CA PHE C 114 -24.40 5.54 -8.90
C PHE C 114 -23.40 4.63 -8.23
N LEU C 115 -22.13 5.05 -8.27
CA LEU C 115 -21.01 4.27 -7.74
C LEU C 115 -20.18 5.14 -6.82
N LEU C 116 -19.97 4.71 -5.56
CA LEU C 116 -19.06 5.43 -4.68
C LEU C 116 -17.68 4.77 -4.68
N ARG C 117 -16.70 5.52 -4.19
CA ARG C 117 -15.36 5.00 -4.07
C ARG C 117 -15.21 4.16 -2.80
N GLY C 118 -14.66 2.96 -2.93
CA GLY C 118 -14.26 2.20 -1.75
C GLY C 118 -12.75 2.27 -1.55
N ASN C 119 -12.24 1.71 -0.45
CA ASN C 119 -10.80 1.79 -0.22
C ASN C 119 -10.01 0.91 -1.19
N HIS C 120 -10.66 -0.05 -1.84
CA HIS C 120 -9.98 -0.84 -2.87
C HIS C 120 -9.96 -0.18 -4.25
N GLU C 121 -10.63 0.96 -4.38
CA GLU C 121 -10.60 1.72 -5.63
C GLU C 121 -9.49 2.72 -5.56
N CYS C 122 -8.31 2.24 -5.21
N CYS C 122 -8.31 2.19 -5.24
CA CYS C 122 -7.14 3.08 -5.24
CA CYS C 122 -7.09 2.96 -4.98
C CYS C 122 -5.94 2.21 -5.50
C CYS C 122 -5.92 2.13 -5.51
N ALA C 123 -5.01 2.74 -6.28
CA ALA C 123 -3.90 1.97 -6.83
C ALA C 123 -3.01 1.40 -5.74
N SER C 124 -2.86 2.11 -4.64
CA SER C 124 -1.98 1.65 -3.56
C SER C 124 -2.47 0.34 -2.97
N ILE C 125 -3.78 0.09 -3.06
CA ILE C 125 -4.36 -1.09 -2.47
C ILE C 125 -4.62 -2.17 -3.52
N ASN C 126 -5.21 -1.80 -4.66
CA ASN C 126 -5.55 -2.83 -5.64
C ASN C 126 -4.37 -3.27 -6.51
N ARG C 127 -3.21 -2.63 -6.34
CA ARG C 127 -1.97 -3.16 -6.93
C ARG C 127 -1.62 -4.48 -6.24
N ILE C 128 -1.99 -4.58 -4.97
CA ILE C 128 -1.55 -5.67 -4.13
C ILE C 128 -2.59 -6.79 -4.02
N TYR C 129 -3.87 -6.44 -3.96
CA TYR C 129 -4.88 -7.42 -3.56
C TYR C 129 -5.66 -8.07 -4.71
N GLY C 130 -5.15 -7.93 -5.93
CA GLY C 130 -5.64 -8.77 -7.02
C GLY C 130 -5.88 -8.10 -8.35
N PHE C 131 -6.28 -6.83 -8.34
CA PHE C 131 -6.77 -6.21 -9.57
C PHE C 131 -5.64 -5.98 -10.57
N TYR C 132 -4.49 -5.50 -10.09
CA TYR C 132 -3.30 -5.35 -10.92
C TYR C 132 -2.92 -6.68 -11.57
N ASP C 133 -2.95 -7.75 -10.78
CA ASP C 133 -2.61 -9.08 -11.28
C ASP C 133 -3.56 -9.52 -12.40
N GLU C 134 -4.85 -9.30 -12.17
CA GLU C 134 -5.88 -9.68 -13.15
C GLU C 134 -5.72 -8.87 -14.45
N CYS C 135 -5.43 -7.58 -14.33
CA CYS C 135 -5.25 -6.73 -15.51
C CYS C 135 -4.05 -7.18 -16.31
N LYS C 136 -2.97 -7.46 -15.61
CA LYS C 136 -1.73 -7.87 -16.26
C LYS C 136 -1.89 -9.21 -16.98
N ARG C 137 -2.58 -10.15 -16.35
CA ARG C 137 -2.78 -11.49 -16.91
C ARG C 137 -3.66 -11.49 -18.16
N ARG C 138 -4.76 -10.76 -18.10
CA ARG C 138 -5.73 -10.79 -19.19
C ARG C 138 -5.53 -9.69 -20.22
N TYR C 139 -4.87 -8.59 -19.81
CA TYR C 139 -4.60 -7.49 -20.73
C TYR C 139 -3.17 -7.00 -20.53
N ASN C 140 -3.02 -5.80 -19.98
CA ASN C 140 -1.69 -5.28 -19.67
C ASN C 140 -1.74 -4.17 -18.62
N ILE C 141 -0.55 -3.73 -18.21
CA ILE C 141 -0.40 -2.74 -17.15
C ILE C 141 -1.00 -1.39 -17.54
N LYS C 142 -0.91 -1.04 -18.82
CA LYS C 142 -1.51 0.20 -19.30
C LYS C 142 -3.01 0.26 -19.02
N LEU C 143 -3.68 -0.89 -19.11
CA LEU C 143 -5.10 -0.93 -18.81
C LEU C 143 -5.35 -0.69 -17.32
N TRP C 144 -4.49 -1.25 -16.47
CA TRP C 144 -4.61 -1.04 -15.03
C TRP C 144 -4.45 0.43 -14.69
N LYS C 145 -3.49 1.10 -15.33
CA LYS C 145 -3.30 2.53 -15.15
C LYS C 145 -4.54 3.34 -15.57
N THR C 146 -5.20 2.90 -16.64
CA THR C 146 -6.42 3.56 -17.12
C THR C 146 -7.54 3.42 -16.11
N PHE C 147 -7.63 2.26 -15.46
CA PHE C 147 -8.62 2.08 -14.40
C PHE C 147 -8.34 3.04 -13.24
N THR C 148 -7.06 3.17 -12.88
CA THR C 148 -6.67 4.05 -11.78
C THR C 148 -7.14 5.49 -12.03
N ASP C 149 -6.93 5.94 -13.26
CA ASP C 149 -7.32 7.28 -13.70
C ASP C 149 -8.83 7.51 -13.57
N CYS C 150 -9.60 6.45 -13.74
CA CYS C 150 -11.05 6.47 -13.57
C CYS C 150 -11.44 6.44 -12.09
N PHE C 151 -10.89 5.48 -11.35
CA PHE C 151 -11.17 5.34 -9.91
C PHE C 151 -10.88 6.60 -9.13
N ASN C 152 -9.85 7.33 -9.54
CA ASN C 152 -9.46 8.55 -8.84
C ASN C 152 -10.51 9.65 -8.93
N CYS C 153 -11.52 9.45 -9.78
CA CYS C 153 -12.57 10.45 -9.98
C CYS C 153 -13.93 10.04 -9.39
N LEU C 154 -13.99 8.87 -8.76
CA LEU C 154 -15.23 8.40 -8.17
C LEU C 154 -15.69 9.34 -7.07
N PRO C 155 -17.02 9.55 -6.96
CA PRO C 155 -17.54 10.32 -5.82
C PRO C 155 -17.35 9.56 -4.52
N ILE C 156 -17.42 10.28 -3.39
CA ILE C 156 -16.96 9.77 -2.10
C ILE C 156 -18.12 9.44 -1.16
N ALA C 157 -19.22 10.17 -1.29
CA ALA C 157 -20.35 9.95 -0.40
C ALA C 157 -21.64 10.35 -1.11
N ALA C 158 -22.76 9.96 -0.52
CA ALA C 158 -24.07 10.32 -1.04
C ALA C 158 -25.01 10.59 0.11
N ILE C 159 -25.96 11.48 -0.10
CA ILE C 159 -27.03 11.68 0.86
C ILE C 159 -28.33 11.43 0.13
N VAL C 160 -29.10 10.47 0.64
CA VAL C 160 -30.39 10.12 0.06
C VAL C 160 -31.51 10.86 0.77
N ASP C 161 -32.26 11.64 -0.01
CA ASP C 161 -33.38 12.46 0.47
C ASP C 161 -33.10 13.22 1.77
N GLU C 162 -31.90 13.77 1.88
CA GLU C 162 -31.46 14.58 3.01
C GLU C 162 -31.46 13.84 4.34
N LYS C 163 -31.57 12.52 4.32
CA LYS C 163 -31.75 11.77 5.57
C LYS C 163 -30.83 10.57 5.74
N ILE C 164 -30.33 10.03 4.64
CA ILE C 164 -29.44 8.87 4.73
C ILE C 164 -28.06 9.23 4.19
N PHE C 165 -27.04 9.19 5.06
CA PHE C 165 -25.67 9.45 4.67
C PHE C 165 -24.94 8.16 4.35
N CYS C 166 -24.40 8.06 3.13
CA CYS C 166 -23.78 6.84 2.60
C CYS C 166 -22.32 7.06 2.24
N CYS C 167 -21.47 6.16 2.68
CA CYS C 167 -20.06 6.16 2.27
C CYS C 167 -19.50 4.76 2.52
N HIS C 168 -18.30 4.49 2.02
CA HIS C 168 -17.79 3.14 2.15
C HIS C 168 -17.43 2.76 3.58
N GLY C 169 -16.58 3.57 4.21
CA GLY C 169 -16.05 3.24 5.52
C GLY C 169 -16.88 3.80 6.65
N GLY C 170 -16.77 5.10 6.88
CA GLY C 170 -17.53 5.68 7.98
C GLY C 170 -17.20 7.13 8.25
N LEU C 171 -17.41 7.53 9.49
CA LEU C 171 -17.26 8.91 9.89
C LEU C 171 -15.80 9.29 10.11
N SER C 172 -15.56 10.59 10.23
CA SER C 172 -14.22 11.11 10.42
C SER C 172 -14.26 12.12 11.53
N PRO C 173 -13.26 12.11 12.42
CA PRO C 173 -13.21 13.17 13.42
C PRO C 173 -12.92 14.55 12.80
N ASP C 174 -12.49 14.55 11.53
CA ASP C 174 -12.13 15.80 10.84
C ASP C 174 -13.36 16.43 10.18
N LEU C 175 -14.46 15.66 10.09
CA LEU C 175 -15.65 16.06 9.36
C LEU C 175 -16.60 16.92 10.20
N GLN C 176 -16.65 18.21 9.90
CA GLN C 176 -17.52 19.14 10.60
C GLN C 176 -18.64 19.64 9.70
N SER C 177 -18.31 19.78 8.43
CA SER C 177 -19.25 20.29 7.45
C SER C 177 -19.20 19.46 6.18
N MET C 178 -20.36 19.24 5.58
CA MET C 178 -20.41 18.51 4.30
C MET C 178 -19.59 19.24 3.23
N GLU C 179 -19.38 20.53 3.42
CA GLU C 179 -18.61 21.30 2.44
C GLU C 179 -17.15 20.82 2.41
N GLN C 180 -16.65 20.25 3.50
CA GLN C 180 -15.30 19.65 3.47
C GLN C 180 -15.19 18.52 2.46
N ILE C 181 -16.26 17.77 2.28
CA ILE C 181 -16.29 16.71 1.25
C ILE C 181 -16.35 17.33 -0.14
N ARG C 182 -17.23 18.31 -0.31
CA ARG C 182 -17.37 19.02 -1.57
C ARG C 182 -16.10 19.70 -2.02
N ARG C 183 -15.27 20.13 -1.07
CA ARG C 183 -14.04 20.84 -1.38
C ARG C 183 -12.93 19.92 -1.92
N ILE C 184 -13.09 18.61 -1.73
CA ILE C 184 -12.07 17.66 -2.18
C ILE C 184 -12.02 17.68 -3.70
N MET C 185 -10.83 17.93 -4.25
CA MET C 185 -10.67 18.02 -5.70
C MET C 185 -10.33 16.67 -6.31
N ARG C 186 -10.88 16.41 -7.49
CA ARG C 186 -10.60 15.18 -8.23
C ARG C 186 -9.87 15.51 -9.53
N PRO C 187 -9.01 14.59 -10.00
CA PRO C 187 -8.69 13.28 -9.42
C PRO C 187 -7.84 13.40 -8.18
N THR C 188 -7.96 12.39 -7.33
CA THR C 188 -7.16 12.31 -6.13
C THR C 188 -6.85 10.87 -5.81
N ASP C 189 -5.65 10.64 -5.27
CA ASP C 189 -5.31 9.39 -4.63
C ASP C 189 -5.91 9.40 -3.24
N VAL C 190 -5.90 8.25 -2.58
CA VAL C 190 -6.38 8.18 -1.22
C VAL C 190 -5.18 8.13 -0.27
N PRO C 191 -5.01 9.18 0.54
CA PRO C 191 -3.90 9.26 1.48
C PRO C 191 -4.10 8.25 2.62
N ASP C 192 -3.06 7.97 3.40
CA ASP C 192 -3.22 6.99 4.47
C ASP C 192 -3.61 7.65 5.79
N GLN C 193 -3.96 8.94 5.71
CA GLN C 193 -4.63 9.61 6.83
C GLN C 193 -5.41 10.83 6.35
N GLY C 194 -6.36 11.28 7.15
CA GLY C 194 -7.16 12.44 6.78
C GLY C 194 -8.61 12.12 6.50
N LEU C 195 -9.36 13.15 6.14
CA LEU C 195 -10.79 13.03 5.89
C LEU C 195 -11.16 11.98 4.86
N LEU C 196 -10.55 12.05 3.68
CA LEU C 196 -10.84 11.11 2.59
C LEU C 196 -10.53 9.69 3.05
N CYS C 197 -9.40 9.54 3.75
CA CYS C 197 -9.01 8.25 4.28
C CYS C 197 -10.08 7.69 5.22
N ASP C 198 -10.53 8.51 6.17
CA ASP C 198 -11.51 8.06 7.15
C ASP C 198 -12.84 7.67 6.51
N LEU C 199 -13.27 8.45 5.53
CA LEU C 199 -14.52 8.12 4.85
C LEU C 199 -14.47 6.74 4.18
N LEU C 200 -13.28 6.31 3.77
CA LEU C 200 -13.14 5.05 3.06
C LEU C 200 -12.66 3.91 3.97
N TRP C 201 -12.21 4.23 5.17
CA TRP C 201 -11.55 3.22 6.02
C TRP C 201 -12.07 3.04 7.46
N SER C 202 -12.79 4.00 8.03
CA SER C 202 -13.12 3.87 9.45
C SER C 202 -14.21 2.83 9.71
N ASP C 203 -14.32 2.42 10.98
CA ASP C 203 -15.30 1.40 11.42
C ASP C 203 -16.02 1.82 12.71
N PRO C 204 -17.31 1.48 12.81
CA PRO C 204 -17.99 1.58 14.11
C PRO C 204 -17.46 0.52 15.07
N ASP C 205 -17.50 0.82 16.37
CA ASP C 205 -17.08 -0.14 17.39
C ASP C 205 -17.96 0.00 18.63
N LYS C 206 -18.53 -1.10 19.10
CA LYS C 206 -19.42 -1.07 20.25
C LYS C 206 -18.69 -0.79 21.55
N ASP C 207 -17.38 -0.97 21.58
CA ASP C 207 -16.67 -0.86 22.85
C ASP C 207 -16.00 0.49 23.04
N VAL C 208 -15.81 1.21 21.94
CA VAL C 208 -15.10 2.49 22.02
C VAL C 208 -16.03 3.61 22.50
N LEU C 209 -15.48 4.53 23.28
CA LEU C 209 -16.23 5.71 23.71
C LEU C 209 -15.61 6.93 23.03
N GLY C 210 -16.30 7.48 22.04
CA GLY C 210 -15.77 8.57 21.25
C GLY C 210 -14.99 8.00 20.08
N TRP C 211 -13.77 8.48 19.89
CA TRP C 211 -12.91 7.99 18.81
C TRP C 211 -11.81 7.08 19.36
N GLY C 212 -11.39 6.11 18.56
CA GLY C 212 -10.31 5.23 18.97
C GLY C 212 -9.46 4.87 17.78
N GLU C 213 -8.31 4.24 18.05
CA GLU C 213 -7.44 3.78 16.97
C GLU C 213 -8.03 2.52 16.34
N ASN C 214 -7.93 2.43 15.03
CA ASN C 214 -8.48 1.28 14.32
C ASN C 214 -7.45 0.13 14.27
N ASP C 215 -7.90 -1.09 14.59
CA ASP C 215 -7.01 -2.26 14.56
C ASP C 215 -6.30 -2.48 13.23
N ARG C 216 -6.91 -2.03 12.13
CA ARG C 216 -6.32 -2.17 10.80
C ARG C 216 -4.97 -1.44 10.69
N GLY C 217 -4.77 -0.42 11.52
CA GLY C 217 -3.56 0.38 11.45
C GLY C 217 -3.76 1.62 10.58
N VAL C 218 -4.98 1.78 10.10
CA VAL C 218 -5.40 2.90 9.28
C VAL C 218 -6.67 3.49 9.89
N SER C 219 -6.73 4.82 9.99
CA SER C 219 -7.97 5.50 10.38
C SER C 219 -8.42 5.16 11.80
N PHE C 220 -9.72 5.24 12.05
CA PHE C 220 -10.27 5.21 13.41
C PHE C 220 -11.43 4.26 13.59
N THR C 221 -11.76 4.03 14.85
CA THR C 221 -13.06 3.52 15.25
C THR C 221 -13.87 4.63 15.90
N PHE C 222 -15.20 4.50 15.85
CA PHE C 222 -16.08 5.47 16.51
C PHE C 222 -17.24 4.75 17.17
N GLY C 223 -17.69 5.28 18.31
CA GLY C 223 -18.77 4.67 19.04
C GLY C 223 -20.18 5.17 18.69
N ALA C 224 -21.15 4.66 19.43
CA ALA C 224 -22.55 4.96 19.15
C ALA C 224 -22.93 6.42 19.41
N GLU C 225 -22.30 7.04 20.39
CA GLU C 225 -22.59 8.45 20.66
C GLU C 225 -22.03 9.36 19.56
N VAL C 226 -20.90 8.97 18.97
CA VAL C 226 -20.37 9.72 17.82
C VAL C 226 -21.41 9.73 16.69
N VAL C 227 -22.03 8.58 16.45
CA VAL C 227 -23.06 8.44 15.42
C VAL C 227 -24.28 9.31 15.75
N ALA C 228 -24.78 9.23 16.99
CA ALA C 228 -25.93 10.04 17.38
C ALA C 228 -25.65 11.54 17.20
N LYS C 229 -24.46 11.97 17.60
CA LYS C 229 -24.10 13.38 17.54
C LYS C 229 -24.06 13.86 16.09
N PHE C 230 -23.50 13.02 15.22
CA PHE C 230 -23.40 13.33 13.81
C PHE C 230 -24.78 13.45 13.17
N LEU C 231 -25.65 12.48 13.43
CA LEU C 231 -26.99 12.51 12.88
C LEU C 231 -27.74 13.76 13.35
N HIS C 232 -27.62 14.08 14.62
CA HIS C 232 -28.30 15.24 15.15
C HIS C 232 -27.76 16.55 14.54
N LYS C 233 -26.44 16.64 14.42
CA LYS C 233 -25.84 17.86 13.92
C LYS C 233 -26.28 18.16 12.50
N HIS C 234 -26.37 17.12 11.68
CA HIS C 234 -26.61 17.30 10.25
C HIS C 234 -28.05 16.96 9.84
N ASP C 235 -28.92 16.77 10.83
CA ASP C 235 -30.34 16.48 10.60
C ASP C 235 -30.53 15.24 9.72
N LEU C 236 -29.79 14.18 10.03
CA LEU C 236 -29.89 12.92 9.29
C LEU C 236 -30.58 11.85 10.16
N ASP C 237 -31.01 10.75 9.54
CA ASP C 237 -31.64 9.65 10.29
C ASP C 237 -30.80 8.38 10.34
N LEU C 238 -29.93 8.19 9.34
CA LEU C 238 -29.26 6.91 9.14
C LEU C 238 -27.90 7.09 8.48
N ILE C 239 -26.91 6.36 8.96
CA ILE C 239 -25.67 6.18 8.21
C ILE C 239 -25.65 4.81 7.56
N CYS C 240 -25.39 4.77 6.26
CA CYS C 240 -25.32 3.53 5.53
C CYS C 240 -23.90 3.35 5.01
N ARG C 241 -23.24 2.27 5.41
CA ARG C 241 -21.87 2.04 4.96
C ARG C 241 -21.63 0.57 4.69
N ALA C 242 -20.42 0.25 4.25
CA ALA C 242 -20.05 -1.10 3.85
C ALA C 242 -18.77 -1.48 4.60
N HIS C 243 -17.79 -2.08 3.91
CA HIS C 243 -16.40 -2.18 4.43
C HIS C 243 -16.16 -3.23 5.54
N GLN C 244 -17.18 -3.99 5.93
CA GLN C 244 -16.98 -5.06 6.90
C GLN C 244 -17.87 -6.25 6.56
N VAL C 245 -17.28 -7.43 6.51
CA VAL C 245 -18.02 -8.67 6.33
C VAL C 245 -18.96 -8.88 7.52
N VAL C 246 -20.23 -9.07 7.23
CA VAL C 246 -21.20 -9.33 8.29
C VAL C 246 -21.98 -10.59 7.91
N GLU C 247 -22.22 -11.45 8.89
CA GLU C 247 -22.75 -12.80 8.68
C GLU C 247 -24.04 -12.87 7.86
N ASP C 248 -24.94 -11.91 8.07
CA ASP C 248 -26.23 -11.94 7.37
C ASP C 248 -26.31 -10.88 6.28
N GLY C 249 -25.18 -10.28 5.92
CA GLY C 249 -25.13 -9.34 4.81
C GLY C 249 -25.44 -7.91 5.21
N TYR C 250 -26.13 -7.77 6.34
CA TYR C 250 -26.37 -6.45 6.90
C TYR C 250 -26.30 -6.54 8.42
N GLU C 251 -25.94 -5.44 9.05
CA GLU C 251 -25.84 -5.42 10.50
C GLU C 251 -26.07 -4.00 11.01
N PHE C 252 -26.98 -3.86 11.95
CA PHE C 252 -27.24 -2.56 12.56
C PHE C 252 -26.26 -2.23 13.67
N PHE C 253 -26.09 -0.92 13.91
CA PHE C 253 -25.21 -0.41 14.97
C PHE C 253 -25.93 0.78 15.61
N ALA C 254 -25.75 0.97 16.91
CA ALA C 254 -26.29 2.14 17.61
C ALA C 254 -27.82 2.30 17.46
N LYS C 255 -28.57 1.28 17.86
CA LYS C 255 -30.05 1.31 17.80
C LYS C 255 -30.57 1.72 16.42
N ARG C 256 -30.06 1.05 15.40
N ARG C 256 -30.04 1.06 15.39
CA ARG C 256 -30.45 1.25 14.00
CA ARG C 256 -30.45 1.22 13.99
C ARG C 256 -30.25 2.69 13.54
C ARG C 256 -30.09 2.59 13.39
N GLN C 257 -29.22 3.34 14.07
CA GLN C 257 -28.76 4.63 13.54
C GLN C 257 -27.70 4.46 12.47
N LEU C 258 -27.11 3.26 12.40
CA LEU C 258 -26.14 2.97 11.36
C LEU C 258 -26.36 1.54 10.86
N VAL C 259 -26.17 1.34 9.55
CA VAL C 259 -26.23 -0.03 9.04
C VAL C 259 -25.01 -0.31 8.16
N THR C 260 -24.49 -1.52 8.30
CA THR C 260 -23.40 -2.01 7.44
C THR C 260 -24.00 -2.96 6.42
N LEU C 261 -23.67 -2.74 5.14
CA LEU C 261 -24.13 -3.60 4.05
C LEU C 261 -22.92 -4.26 3.42
N PHE C 262 -23.00 -5.56 3.17
CA PHE C 262 -21.94 -6.29 2.49
C PHE C 262 -22.59 -7.19 1.46
N SER C 263 -22.20 -7.09 0.19
CA SER C 263 -22.97 -7.75 -0.86
C SER C 263 -22.20 -8.82 -1.63
N ALA C 264 -21.15 -9.35 -1.01
CA ALA C 264 -20.36 -10.42 -1.61
C ALA C 264 -20.51 -11.69 -0.78
N PRO C 265 -21.43 -12.59 -1.17
CA PRO C 265 -21.70 -13.81 -0.41
C PRO C 265 -20.49 -14.75 -0.37
N ASN C 266 -20.33 -15.47 0.74
CA ASN C 266 -19.22 -16.42 0.89
C ASN C 266 -17.90 -15.77 0.46
N TYR C 267 -17.69 -14.56 0.96
CA TYR C 267 -16.54 -13.72 0.62
C TYR C 267 -15.22 -14.49 0.61
N CYS C 268 -14.47 -14.34 -0.49
CA CYS C 268 -13.19 -15.04 -0.72
C CYS C 268 -13.30 -16.55 -0.72
N GLY C 269 -14.51 -17.08 -0.58
CA GLY C 269 -14.69 -18.51 -0.37
C GLY C 269 -14.16 -18.90 1.00
N GLU C 270 -14.17 -17.95 1.93
CA GLU C 270 -13.55 -18.14 3.23
C GLU C 270 -14.38 -17.60 4.40
N PHE C 271 -15.64 -17.21 4.16
CA PHE C 271 -16.42 -16.57 5.20
C PHE C 271 -17.84 -17.10 5.44
N ASP C 272 -18.41 -17.81 4.46
CA ASP C 272 -19.76 -18.38 4.57
C ASP C 272 -20.88 -17.37 4.89
N ASN C 273 -20.63 -16.09 4.60
CA ASN C 273 -21.60 -15.03 4.84
C ASN C 273 -22.63 -14.88 3.72
N ALA C 274 -23.76 -14.27 4.05
CA ALA C 274 -24.73 -13.90 3.04
C ALA C 274 -24.38 -12.50 2.54
N GLY C 275 -24.95 -12.15 1.40
CA GLY C 275 -24.83 -10.79 0.86
C GLY C 275 -26.18 -10.12 0.99
N ALA C 276 -26.19 -8.81 1.17
CA ALA C 276 -27.46 -8.10 1.28
C ALA C 276 -27.56 -6.88 0.38
N MET C 277 -28.81 -6.54 0.05
CA MET C 277 -29.14 -5.36 -0.70
C MET C 277 -30.23 -4.64 0.07
N MET C 278 -30.09 -3.33 0.27
CA MET C 278 -31.12 -2.58 0.98
C MET C 278 -31.96 -1.78 0.01
N SER C 279 -33.27 -2.01 0.02
CA SER C 279 -34.19 -1.21 -0.79
C SER C 279 -34.75 -0.06 0.03
N VAL C 280 -34.70 1.14 -0.53
CA VAL C 280 -35.28 2.32 0.11
C VAL C 280 -36.45 2.79 -0.72
N ASP C 281 -37.68 2.76 -0.17
CA ASP C 281 -38.80 3.21 -0.99
C ASP C 281 -38.96 4.72 -0.86
N GLU C 282 -39.98 5.26 -1.54
CA GLU C 282 -40.10 6.71 -1.64
C GLU C 282 -40.34 7.39 -0.28
N THR C 283 -40.90 6.65 0.66
CA THR C 283 -41.16 7.17 1.99
C THR C 283 -40.00 6.91 2.96
N LEU C 284 -38.89 6.43 2.40
CA LEU C 284 -37.67 6.06 3.14
C LEU C 284 -37.90 4.90 4.10
N MET C 285 -38.84 4.01 3.75
CA MET C 285 -38.88 2.71 4.42
C MET C 285 -37.82 1.79 3.82
N CYS C 286 -37.01 1.21 4.69
CA CYS C 286 -35.86 0.40 4.27
C CYS C 286 -36.14 -1.08 4.50
N SER C 287 -35.83 -1.90 3.51
CA SER C 287 -36.01 -3.34 3.65
C SER C 287 -34.81 -4.06 3.10
N PHE C 288 -34.68 -5.33 3.43
CA PHE C 288 -33.48 -6.07 3.07
C PHE C 288 -33.78 -7.33 2.29
N GLN C 289 -33.02 -7.53 1.23
CA GLN C 289 -33.00 -8.78 0.48
C GLN C 289 -31.64 -9.43 0.70
N ILE C 290 -31.65 -10.71 1.00
CA ILE C 290 -30.43 -11.41 1.39
C ILE C 290 -30.19 -12.56 0.41
N LEU C 291 -28.97 -12.63 -0.11
CA LEU C 291 -28.57 -13.75 -0.97
C LEU C 291 -27.74 -14.71 -0.14
N LYS C 292 -28.25 -15.91 0.09
CA LYS C 292 -27.57 -16.85 0.97
C LYS C 292 -27.08 -18.06 0.18
N PRO C 293 -25.76 -18.25 0.12
CA PRO C 293 -25.20 -19.42 -0.57
C PRO C 293 -25.72 -20.73 -0.01
N ALA C 294 -26.18 -21.61 -0.90
CA ALA C 294 -26.64 -22.92 -0.45
C ALA C 294 -25.48 -23.69 0.16
N GLU C 295 -25.76 -24.47 1.19
CA GLU C 295 -24.73 -25.33 1.78
C GLU C 295 -25.01 -26.78 1.42
N LYS D 14 -39.53 13.80 5.61
CA LYS D 14 -39.50 12.35 5.52
C LYS D 14 -38.78 11.73 6.72
N LYS D 15 -39.08 10.47 6.99
CA LYS D 15 -38.50 9.78 8.14
C LYS D 15 -38.11 8.34 7.79
N VAL D 16 -36.89 7.96 8.13
CA VAL D 16 -36.43 6.60 7.86
C VAL D 16 -37.10 5.60 8.80
N THR D 17 -37.67 4.55 8.21
CA THR D 17 -38.20 3.43 8.98
C THR D 17 -37.69 2.13 8.39
N PHE D 18 -37.93 1.04 9.10
CA PHE D 18 -37.44 -0.26 8.68
C PHE D 18 -38.56 -1.28 8.69
N LEU D 19 -38.56 -2.11 7.65
CA LEU D 19 -39.41 -3.28 7.60
C LEU D 19 -38.68 -4.40 8.30
N GLU D 20 -39.31 -5.01 9.31
CA GLU D 20 -38.62 -6.03 10.10
C GLU D 20 -38.38 -7.31 9.31
N GLU D 21 -39.35 -7.68 8.48
CA GLU D 21 -39.24 -8.93 7.74
C GLU D 21 -38.29 -8.82 6.56
N VAL D 22 -37.33 -9.75 6.53
CA VAL D 22 -36.32 -9.79 5.50
C VAL D 22 -36.72 -10.83 4.45
N THR D 23 -36.31 -10.62 3.21
CA THR D 23 -36.50 -11.60 2.16
C THR D 23 -35.19 -12.29 1.86
N GLU D 24 -35.17 -13.61 1.95
CA GLU D 24 -33.95 -14.39 1.70
C GLU D 24 -34.10 -15.29 0.48
N TYR D 25 -33.01 -15.46 -0.25
CA TYR D 25 -32.96 -16.38 -1.38
C TYR D 25 -31.72 -17.25 -1.27
N TYR D 26 -31.86 -18.54 -1.55
CA TYR D 26 -30.70 -19.42 -1.68
C TYR D 26 -30.09 -19.21 -3.05
N ILE D 27 -28.76 -19.08 -3.11
CA ILE D 27 -28.10 -18.98 -4.40
C ILE D 27 -27.11 -20.13 -4.57
N SER D 28 -26.82 -20.47 -5.82
CA SER D 28 -26.00 -21.64 -6.11
C SER D 28 -25.01 -21.37 -7.24
MN MN E . 12.77 -2.29 -2.18
MN MN F . -13.45 -1.79 2.14
NA NA G . -29.52 -2.18 -20.40
NA NA H . -34.47 -19.63 -2.78
#